data_3ZKA
#
_entry.id   3ZKA
#
_cell.length_a   39.524
_cell.length_b   58.960
_cell.length_c   62.130
_cell.angle_alpha   106.18
_cell.angle_beta   104.49
_cell.angle_gamma   94.39
#
_symmetry.space_group_name_H-M   'P 1'
#
loop_
_entity.id
_entity.type
_entity.pdbx_description
1 polymer 'MANGANESE ABC TRANSPORTER SUBSTRATE-BINDING LIPOPROTEIN'
2 non-polymer 'MANGANESE (II) ION'
3 non-polymer 2-AMINO-2-HYDROXYMETHYL-PROPANE-1,3-DIOL
4 water water
#
_entity_poly.entity_id   1
_entity_poly.type   'polypeptide(L)'
_entity_poly.pdbx_seq_one_letter_code
;KLKVVATNSIIADITKNIAGDKIDLHSIVPIGQDPHEYEPLPEDVKKTSEADLIFYNGINLETGGNAWFTKLVENAKKTE
NKDYFAVSDGVDVIYLEGQNEKGKEDPHAWLNLENGIIFAKNIAKQLSAKDPNNKEFYEKNLKEYTDKLDKLDKESKDKF
NKIPAEKKLIVTSEGAFKYFSKAYGVPSAYIWEINTEEEGTPEQIKTLVEKLRQTKVPSLFVESSVDDRPMKTVSQDTNI
PIYAQIFTNSIAEQGKEGDSYYSMMKYNLDKIAEGLAK
;
_entity_poly.pdbx_strand_id   A,B
#
loop_
_chem_comp.id
_chem_comp.type
_chem_comp.name
_chem_comp.formula
MN non-polymer 'MANGANESE (II) ION' 'Mn 2'
TRS non-polymer 2-AMINO-2-HYDROXYMETHYL-PROPANE-1,3-DIOL 'C4 H12 N O3 1'
#
# COMPACT_ATOMS: atom_id res chain seq x y z
N LYS A 1 -14.86 -1.43 -19.88
CA LYS A 1 -13.53 -2.06 -19.88
C LYS A 1 -13.53 -3.34 -19.06
N LEU A 2 -12.66 -4.30 -19.42
CA LEU A 2 -12.50 -5.52 -18.65
C LEU A 2 -12.04 -5.17 -17.24
N LYS A 3 -12.67 -5.79 -16.22
CA LYS A 3 -12.36 -5.58 -14.81
C LYS A 3 -11.39 -6.67 -14.39
N VAL A 4 -10.14 -6.29 -14.07
CA VAL A 4 -9.06 -7.21 -13.71
C VAL A 4 -8.60 -6.97 -12.29
N VAL A 5 -8.32 -8.05 -11.57
CA VAL A 5 -7.77 -7.98 -10.22
C VAL A 5 -6.48 -8.77 -10.21
N ALA A 6 -5.40 -8.19 -9.67
CA ALA A 6 -4.11 -8.84 -9.48
C ALA A 6 -3.86 -8.94 -8.00
N THR A 7 -3.25 -10.04 -7.51
CA THR A 7 -3.06 -10.15 -6.07
C THR A 7 -1.94 -9.27 -5.50
N ASN A 8 -0.97 -8.86 -6.30
CA ASN A 8 0.15 -8.06 -5.78
C ASN A 8 0.77 -7.17 -6.85
N SER A 9 1.70 -6.30 -6.44
CA SER A 9 2.22 -5.27 -7.31
C SER A 9 3.09 -5.82 -8.44
N ILE A 10 3.69 -6.97 -8.27
CA ILE A 10 4.49 -7.55 -9.31
C ILE A 10 3.61 -8.03 -10.46
N ILE A 11 2.60 -8.81 -10.11
CA ILE A 11 1.60 -9.29 -11.08
C ILE A 11 0.86 -8.08 -11.70
N ALA A 12 0.48 -7.10 -10.90
CA ALA A 12 -0.21 -5.92 -11.42
C ALA A 12 0.67 -5.15 -12.41
N ASP A 13 1.96 -4.99 -12.09
CA ASP A 13 2.84 -4.24 -13.01
C ASP A 13 3.04 -4.99 -14.35
N ILE A 14 3.21 -6.32 -14.30
CA ILE A 14 3.32 -7.09 -15.55
C ILE A 14 2.03 -6.93 -16.32
N THR A 15 0.88 -7.03 -15.64
CA THR A 15 -0.42 -6.85 -16.32
C THR A 15 -0.53 -5.49 -16.98
N LYS A 16 -0.08 -4.41 -16.30
CA LYS A 16 -0.15 -3.08 -16.89
C LYS A 16 0.68 -2.99 -18.17
N ASN A 17 1.84 -3.67 -18.21
CA ASN A 17 2.73 -3.65 -19.36
C ASN A 17 2.16 -4.40 -20.57
N ILE A 18 1.20 -5.28 -20.36
CA ILE A 18 0.54 -6.01 -21.42
C ILE A 18 -0.74 -5.29 -21.83
N ALA A 19 -1.55 -4.84 -20.84
CA ALA A 19 -2.87 -4.26 -21.12
C ALA A 19 -2.98 -2.75 -21.20
N GLY A 20 -2.04 -2.00 -20.64
CA GLY A 20 -2.12 -0.55 -20.63
C GLY A 20 -3.44 -0.01 -20.07
N ASP A 21 -4.01 1.00 -20.74
CA ASP A 21 -5.28 1.62 -20.33
C ASP A 21 -6.53 0.89 -20.86
N LYS A 22 -6.39 -0.31 -21.46
CA LYS A 22 -7.53 -1.05 -22.00
C LYS A 22 -8.39 -1.71 -20.92
N ILE A 23 -7.88 -1.83 -19.68
CA ILE A 23 -8.56 -2.51 -18.58
C ILE A 23 -8.73 -1.62 -17.37
N ASP A 24 -9.59 -2.07 -16.45
CA ASP A 24 -9.83 -1.50 -15.13
C ASP A 24 -9.11 -2.45 -14.15
N LEU A 25 -7.93 -2.06 -13.67
CA LEU A 25 -7.07 -2.94 -12.85
C LEU A 25 -7.05 -2.56 -11.38
N HIS A 26 -7.26 -3.53 -10.50
CA HIS A 26 -7.16 -3.38 -9.04
C HIS A 26 -6.10 -4.37 -8.53
N SER A 27 -5.18 -3.91 -7.65
CA SER A 27 -4.13 -4.72 -7.03
C SER A 27 -4.47 -4.87 -5.54
N ILE A 28 -4.50 -6.09 -5.02
CA ILE A 28 -4.90 -6.32 -3.61
C ILE A 28 -3.75 -5.97 -2.62
N VAL A 29 -2.59 -6.66 -2.70
CA VAL A 29 -1.51 -6.45 -1.75
C VAL A 29 -0.81 -5.18 -2.16
N PRO A 30 -0.81 -4.14 -1.30
CA PRO A 30 -0.16 -2.89 -1.74
C PRO A 30 1.36 -2.97 -1.78
N ILE A 31 1.94 -1.98 -2.46
CA ILE A 31 3.36 -1.89 -2.62
C ILE A 31 4.02 -1.90 -1.26
N GLY A 32 4.98 -2.79 -1.14
CA GLY A 32 5.78 -2.95 0.07
C GLY A 32 5.15 -3.85 1.11
N GLN A 33 3.94 -4.35 0.87
CA GLN A 33 3.29 -5.25 1.83
C GLN A 33 3.60 -6.71 1.50
N ASP A 34 3.26 -7.57 2.44
CA ASP A 34 3.61 -8.97 2.35
C ASP A 34 2.52 -9.76 1.63
N PRO A 35 2.84 -10.39 0.51
CA PRO A 35 1.81 -11.06 -0.27
C PRO A 35 1.42 -12.44 0.26
N HIS A 36 2.11 -12.91 1.29
CA HIS A 36 1.81 -14.16 2.00
C HIS A 36 1.25 -13.80 3.39
N GLU A 37 0.07 -14.29 3.76
CA GLU A 37 -0.56 -14.00 5.07
C GLU A 37 -1.21 -12.59 5.17
N TYR A 38 -1.41 -11.89 4.03
CA TYR A 38 -2.14 -10.61 3.93
C TYR A 38 -3.61 -10.79 4.36
N GLU A 39 -4.25 -9.70 4.80
CA GLU A 39 -5.64 -9.72 5.17
C GLU A 39 -6.44 -8.79 4.25
N PRO A 40 -7.18 -9.33 3.25
CA PRO A 40 -7.92 -8.45 2.34
C PRO A 40 -8.93 -7.55 3.06
N LEU A 41 -9.14 -6.37 2.51
CA LEU A 41 -10.06 -5.40 3.06
C LEU A 41 -11.35 -5.43 2.28
N PRO A 42 -12.41 -4.76 2.78
CA PRO A 42 -13.68 -4.80 2.07
C PRO A 42 -13.62 -4.37 0.60
N GLU A 43 -12.74 -3.43 0.26
CA GLU A 43 -12.62 -3.00 -1.14
C GLU A 43 -12.08 -4.16 -2.01
N ASP A 44 -11.20 -4.98 -1.45
CA ASP A 44 -10.65 -6.11 -2.20
C ASP A 44 -11.73 -7.17 -2.44
N VAL A 45 -12.58 -7.38 -1.45
CA VAL A 45 -13.69 -8.32 -1.56
C VAL A 45 -14.65 -7.85 -2.65
N LYS A 46 -15.01 -6.55 -2.64
CA LYS A 46 -15.93 -6.02 -3.63
C LYS A 46 -15.34 -6.06 -5.04
N LYS A 47 -14.09 -5.66 -5.20
CA LYS A 47 -13.46 -5.68 -6.52
C LYS A 47 -13.29 -7.09 -7.07
N THR A 48 -13.01 -8.07 -6.19
CA THR A 48 -12.86 -9.47 -6.65
C THR A 48 -14.20 -10.01 -7.07
N SER A 49 -15.28 -9.69 -6.33
CA SER A 49 -16.65 -10.11 -6.66
C SER A 49 -17.07 -9.58 -8.02
N GLU A 50 -16.63 -8.38 -8.39
CA GLU A 50 -16.97 -7.74 -9.66
C GLU A 50 -16.04 -8.08 -10.82
N ALA A 51 -14.87 -8.66 -10.54
CA ALA A 51 -13.90 -8.88 -11.60
C ALA A 51 -14.31 -9.85 -12.67
N ASP A 52 -13.88 -9.58 -13.90
CA ASP A 52 -14.01 -10.49 -15.02
C ASP A 52 -12.86 -11.48 -15.06
N LEU A 53 -11.66 -11.01 -14.59
CA LEU A 53 -10.44 -11.80 -14.65
C LEU A 53 -9.58 -11.51 -13.42
N ILE A 54 -9.13 -12.57 -12.75
CA ILE A 54 -8.31 -12.44 -11.54
C ILE A 54 -6.98 -13.17 -11.79
N PHE A 55 -5.85 -12.53 -11.43
CA PHE A 55 -4.53 -13.12 -11.56
C PHE A 55 -3.88 -13.26 -10.18
N TYR A 56 -3.37 -14.47 -9.88
CA TYR A 56 -2.68 -14.71 -8.63
C TYR A 56 -1.39 -15.46 -8.94
N ASN A 57 -0.46 -15.45 -8.01
CA ASN A 57 0.84 -16.09 -8.26
C ASN A 57 0.71 -17.60 -8.35
N GLY A 58 -0.05 -18.17 -7.44
CA GLY A 58 -0.12 -19.61 -7.30
C GLY A 58 1.10 -20.11 -6.54
N ILE A 59 1.41 -21.38 -6.71
CA ILE A 59 2.52 -22.10 -6.07
C ILE A 59 2.69 -21.68 -4.59
N ASN A 60 1.54 -21.61 -3.89
CA ASN A 60 1.39 -21.43 -2.44
C ASN A 60 1.71 -20.05 -1.90
N LEU A 61 1.87 -19.05 -2.74
CA LEU A 61 2.14 -17.71 -2.22
C LEU A 61 0.97 -17.16 -1.40
N GLU A 62 -0.24 -17.20 -1.98
CA GLU A 62 -1.43 -16.62 -1.35
C GLU A 62 -2.41 -17.65 -0.81
N THR A 63 -2.11 -18.97 -0.94
CA THR A 63 -3.03 -20.06 -0.54
C THR A 63 -2.52 -20.86 0.66
N GLY A 64 -1.32 -20.55 1.12
CA GLY A 64 -0.76 -21.18 2.30
C GLY A 64 -1.16 -20.37 3.52
N GLY A 65 -1.00 -20.98 4.70
CA GLY A 65 -1.31 -20.34 5.98
C GLY A 65 -2.77 -19.97 6.09
N ASN A 66 -3.07 -18.65 6.15
CA ASN A 66 -4.45 -18.18 6.26
C ASN A 66 -5.24 -18.38 4.97
N ALA A 67 -4.58 -18.79 3.85
CA ALA A 67 -5.19 -19.05 2.56
C ALA A 67 -6.15 -17.94 2.17
N TRP A 68 -5.67 -16.72 2.31
CA TRP A 68 -6.51 -15.55 2.07
C TRP A 68 -7.07 -15.52 0.66
N PHE A 69 -6.31 -15.93 -0.38
CA PHE A 69 -6.83 -15.89 -1.75
C PHE A 69 -7.92 -16.94 -1.95
N THR A 70 -7.76 -18.13 -1.35
CA THR A 70 -8.79 -19.18 -1.46
C THR A 70 -10.09 -18.70 -0.86
N LYS A 71 -10.03 -18.09 0.33
CA LYS A 71 -11.26 -17.56 0.97
C LYS A 71 -11.90 -16.49 0.10
N LEU A 72 -11.10 -15.65 -0.55
CA LEU A 72 -11.58 -14.55 -1.38
C LEU A 72 -12.32 -15.05 -2.61
N VAL A 73 -11.72 -15.98 -3.34
CA VAL A 73 -12.39 -16.46 -4.55
C VAL A 73 -13.57 -17.36 -4.20
N GLU A 74 -13.55 -18.04 -3.04
CA GLU A 74 -14.71 -18.86 -2.67
C GLU A 74 -15.90 -17.97 -2.33
N ASN A 75 -15.69 -16.88 -1.58
CA ASN A 75 -16.75 -15.93 -1.22
C ASN A 75 -17.26 -15.16 -2.47
N ALA A 76 -16.41 -14.97 -3.51
CA ALA A 76 -16.78 -14.29 -4.76
C ALA A 76 -17.43 -15.23 -5.80
N LYS A 77 -17.44 -16.54 -5.56
CA LYS A 77 -18.00 -17.53 -6.49
C LYS A 77 -17.28 -17.44 -7.83
N LYS A 78 -15.94 -17.41 -7.77
CA LYS A 78 -15.09 -17.34 -8.93
C LYS A 78 -14.50 -18.72 -9.05
N THR A 79 -14.36 -19.19 -10.26
CA THR A 79 -13.92 -20.54 -10.57
C THR A 79 -12.52 -20.55 -11.16
N GLU A 80 -11.75 -21.55 -10.74
CA GLU A 80 -10.38 -21.76 -11.21
C GLU A 80 -10.33 -22.05 -12.70
N ASN A 81 -9.44 -21.36 -13.40
CA ASN A 81 -9.20 -21.49 -14.84
C ASN A 81 -10.44 -21.10 -15.69
N LYS A 82 -11.34 -20.33 -15.10
CA LYS A 82 -12.49 -19.71 -15.75
C LYS A 82 -12.45 -18.20 -15.44
N ASP A 83 -12.43 -17.85 -14.16
CA ASP A 83 -12.35 -16.48 -13.68
C ASP A 83 -10.97 -16.14 -13.14
N TYR A 84 -10.31 -17.09 -12.43
CA TYR A 84 -9.00 -16.79 -11.88
C TYR A 84 -7.93 -17.75 -12.38
N PHE A 85 -6.69 -17.23 -12.60
CA PHE A 85 -5.60 -17.98 -13.20
C PHE A 85 -4.32 -17.74 -12.46
N ALA A 86 -3.57 -18.80 -12.23
CA ALA A 86 -2.24 -18.71 -11.63
C ALA A 86 -1.28 -18.33 -12.72
N VAL A 87 -0.60 -17.19 -12.60
CA VAL A 87 0.31 -16.75 -13.65
C VAL A 87 1.59 -17.59 -13.69
N SER A 88 1.83 -18.41 -12.66
CA SER A 88 3.01 -19.27 -12.64
C SER A 88 2.80 -20.57 -13.41
N ASP A 89 1.62 -20.84 -13.96
CA ASP A 89 1.40 -22.10 -14.70
C ASP A 89 2.41 -22.20 -15.84
N GLY A 90 3.22 -23.25 -15.83
CA GLY A 90 4.24 -23.44 -16.85
C GLY A 90 5.65 -23.22 -16.38
N VAL A 91 5.85 -22.62 -15.17
CA VAL A 91 7.19 -22.49 -14.65
C VAL A 91 7.71 -23.89 -14.24
N ASP A 92 9.02 -24.04 -14.29
CA ASP A 92 9.73 -25.22 -13.81
C ASP A 92 9.83 -25.06 -12.29
N VAL A 93 8.89 -25.67 -11.60
CA VAL A 93 8.73 -25.52 -10.16
C VAL A 93 9.93 -26.08 -9.38
N ILE A 94 10.26 -25.37 -8.29
CA ILE A 94 11.26 -25.76 -7.30
C ILE A 94 10.47 -26.15 -6.08
N TYR A 95 10.89 -27.23 -5.40
CA TYR A 95 10.22 -27.69 -4.21
C TYR A 95 11.08 -27.50 -2.99
N LEU A 96 10.44 -27.15 -1.90
CA LEU A 96 11.17 -27.03 -0.62
C LEU A 96 11.83 -28.35 -0.25
N GLU A 97 13.11 -28.27 0.12
CA GLU A 97 13.98 -29.42 0.45
C GLU A 97 14.09 -30.43 -0.72
N GLY A 98 13.80 -30.00 -1.95
CA GLY A 98 13.83 -30.88 -3.10
C GLY A 98 12.87 -32.04 -3.02
N GLN A 99 11.74 -31.88 -2.35
CA GLN A 99 10.75 -32.94 -2.20
C GLN A 99 9.49 -32.59 -3.00
N ASN A 100 9.33 -33.29 -4.13
CA ASN A 100 8.22 -33.09 -5.08
C ASN A 100 6.93 -33.65 -4.53
N GLU A 101 6.16 -32.77 -3.90
CA GLU A 101 4.82 -33.05 -3.38
C GLU A 101 3.99 -31.81 -3.48
N LYS A 102 2.67 -31.97 -3.65
CA LYS A 102 1.74 -30.84 -3.65
C LYS A 102 1.83 -30.13 -2.30
N GLY A 103 1.91 -28.81 -2.36
CA GLY A 103 2.06 -27.96 -1.19
C GLY A 103 3.49 -27.57 -0.86
N LYS A 104 4.48 -28.25 -1.46
CA LYS A 104 5.87 -27.93 -1.17
C LYS A 104 6.48 -27.07 -2.25
N GLU A 105 5.69 -26.60 -3.24
CA GLU A 105 6.24 -25.70 -4.25
C GLU A 105 6.76 -24.41 -3.61
N ASP A 106 7.92 -23.97 -4.06
CA ASP A 106 8.50 -22.69 -3.64
C ASP A 106 7.82 -21.58 -4.44
N PRO A 107 7.20 -20.59 -3.78
CA PRO A 107 6.43 -19.63 -4.54
C PRO A 107 7.20 -18.56 -5.30
N HIS A 108 8.48 -18.39 -5.00
CA HIS A 108 9.24 -17.23 -5.46
C HIS A 108 9.75 -17.25 -6.89
N ALA A 109 8.89 -17.64 -7.81
CA ALA A 109 9.25 -17.89 -9.20
C ALA A 109 9.69 -16.66 -9.99
N TRP A 110 9.15 -15.51 -9.67
CA TRP A 110 9.35 -14.31 -10.46
C TRP A 110 10.76 -13.75 -10.34
N LEU A 111 11.57 -14.33 -9.45
CA LEU A 111 12.92 -13.84 -9.24
C LEU A 111 13.91 -14.36 -10.27
N ASN A 112 13.43 -15.03 -11.30
CA ASN A 112 14.20 -15.14 -12.50
C ASN A 112 13.31 -14.65 -13.66
N LEU A 113 13.96 -13.98 -14.60
CA LEU A 113 13.27 -13.33 -15.69
C LEU A 113 12.56 -14.30 -16.68
N GLU A 114 13.06 -15.55 -16.85
CA GLU A 114 12.33 -16.49 -17.67
C GLU A 114 10.91 -16.71 -17.13
N ASN A 115 10.77 -16.74 -15.79
CA ASN A 115 9.45 -16.89 -15.17
C ASN A 115 8.60 -15.63 -15.25
N GLY A 116 9.22 -14.46 -15.15
CA GLY A 116 8.48 -13.22 -15.43
C GLY A 116 7.90 -13.24 -16.85
N ILE A 117 8.66 -13.81 -17.82
CA ILE A 117 8.17 -13.93 -19.20
C ILE A 117 6.97 -14.90 -19.24
N ILE A 118 7.06 -16.03 -18.49
CA ILE A 118 5.94 -16.96 -18.42
C ILE A 118 4.70 -16.28 -17.80
N PHE A 119 4.91 -15.48 -16.72
CA PHE A 119 3.81 -14.76 -16.11
C PHE A 119 3.13 -13.89 -17.18
N ALA A 120 3.93 -13.10 -17.90
CA ALA A 120 3.44 -12.22 -18.95
C ALA A 120 2.67 -13.00 -20.02
N LYS A 121 3.21 -14.12 -20.47
CA LYS A 121 2.52 -14.93 -21.48
C LYS A 121 1.16 -15.41 -20.99
N ASN A 122 1.06 -15.84 -19.71
CA ASN A 122 -0.20 -16.30 -19.15
C ASN A 122 -1.17 -15.13 -19.03
N ILE A 123 -0.67 -13.95 -18.65
CA ILE A 123 -1.52 -12.76 -18.54
C ILE A 123 -2.06 -12.37 -19.92
N ALA A 124 -1.19 -12.28 -20.93
CA ALA A 124 -1.62 -11.93 -22.29
C ALA A 124 -2.66 -12.91 -22.83
N LYS A 125 -2.44 -14.22 -22.57
CA LYS A 125 -3.35 -15.27 -23.05
C LYS A 125 -4.77 -15.07 -22.49
N GLN A 126 -4.88 -14.85 -21.18
CA GLN A 126 -6.18 -14.74 -20.52
C GLN A 126 -6.84 -13.40 -20.80
N LEU A 127 -6.07 -12.32 -20.92
CA LEU A 127 -6.63 -11.03 -21.34
C LEU A 127 -7.24 -11.16 -22.73
N SER A 128 -6.50 -11.80 -23.66
CA SER A 128 -6.96 -11.98 -25.05
C SER A 128 -8.23 -12.84 -25.11
N ALA A 129 -8.35 -13.85 -24.25
CA ALA A 129 -9.51 -14.74 -24.21
C ALA A 129 -10.77 -14.01 -23.72
N LYS A 130 -10.64 -13.14 -22.72
CA LYS A 130 -11.75 -12.41 -22.13
C LYS A 130 -12.09 -11.12 -22.91
N ASP A 131 -11.11 -10.55 -23.62
CA ASP A 131 -11.32 -9.29 -24.35
C ASP A 131 -10.70 -9.43 -25.74
N PRO A 132 -11.33 -10.27 -26.60
CA PRO A 132 -10.78 -10.51 -27.94
C PRO A 132 -10.64 -9.27 -28.82
N ASN A 133 -11.41 -8.19 -28.59
CA ASN A 133 -11.28 -6.96 -29.38
C ASN A 133 -9.86 -6.34 -29.28
N ASN A 134 -9.15 -6.55 -28.15
CA ASN A 134 -7.83 -5.98 -27.94
C ASN A 134 -6.70 -7.04 -28.05
N LYS A 135 -7.01 -8.23 -28.59
CA LYS A 135 -6.07 -9.35 -28.74
C LYS A 135 -4.76 -8.95 -29.44
N GLU A 136 -4.85 -8.22 -30.59
CA GLU A 136 -3.64 -7.81 -31.32
C GLU A 136 -2.77 -6.88 -30.47
N PHE A 137 -3.40 -5.94 -29.73
CA PHE A 137 -2.73 -4.98 -28.85
C PHE A 137 -2.00 -5.72 -27.71
N TYR A 138 -2.67 -6.69 -27.11
CA TYR A 138 -2.03 -7.46 -26.03
C TYR A 138 -0.82 -8.28 -26.51
N GLU A 139 -0.92 -8.85 -27.74
CA GLU A 139 0.15 -9.67 -28.31
C GLU A 139 1.34 -8.82 -28.70
N LYS A 140 1.10 -7.62 -29.27
CA LYS A 140 2.18 -6.71 -29.59
C LYS A 140 2.92 -6.31 -28.33
N ASN A 141 2.18 -5.95 -27.27
CA ASN A 141 2.77 -5.56 -26.00
C ASN A 141 3.51 -6.70 -25.36
N LEU A 142 2.95 -7.91 -25.41
CA LEU A 142 3.63 -9.09 -24.90
C LEU A 142 4.98 -9.29 -25.58
N LYS A 143 5.04 -9.15 -26.90
CA LYS A 143 6.30 -9.34 -27.61
C LYS A 143 7.33 -8.28 -27.22
N GLU A 144 6.92 -7.02 -27.11
CA GLU A 144 7.81 -5.95 -26.73
C GLU A 144 8.30 -6.15 -25.29
N TYR A 145 7.39 -6.54 -24.41
CA TYR A 145 7.71 -6.70 -23.00
C TYR A 145 8.64 -7.89 -22.77
N THR A 146 8.34 -9.03 -23.39
CA THR A 146 9.18 -10.21 -23.19
C THR A 146 10.54 -10.00 -23.88
N ASP A 147 10.64 -9.19 -24.98
CA ASP A 147 11.95 -8.86 -25.54
C ASP A 147 12.79 -8.11 -24.55
N LYS A 148 12.18 -7.16 -23.84
CA LYS A 148 12.86 -6.34 -22.88
C LYS A 148 13.35 -7.22 -21.72
N LEU A 149 12.52 -8.12 -21.20
CA LEU A 149 12.95 -9.02 -20.11
C LEU A 149 14.03 -10.00 -20.57
N ASP A 150 13.90 -10.52 -21.79
CA ASP A 150 14.88 -11.46 -22.36
C ASP A 150 16.25 -10.82 -22.55
N LYS A 151 16.31 -9.57 -23.06
CA LYS A 151 17.58 -8.88 -23.20
C LYS A 151 18.26 -8.75 -21.85
N LEU A 152 17.50 -8.34 -20.80
CA LEU A 152 18.05 -8.17 -19.46
C LEU A 152 18.54 -9.54 -18.89
N ASP A 153 17.80 -10.59 -19.18
CA ASP A 153 18.15 -11.95 -18.74
C ASP A 153 19.46 -12.41 -19.35
N LYS A 154 19.64 -12.19 -20.67
CA LYS A 154 20.87 -12.59 -21.35
C LYS A 154 22.07 -11.79 -20.87
N GLU A 155 21.89 -10.47 -20.67
CA GLU A 155 23.00 -9.62 -20.23
C GLU A 155 23.46 -10.00 -18.85
N SER A 156 22.54 -10.31 -17.98
CA SER A 156 22.86 -10.65 -16.61
C SER A 156 23.50 -12.02 -16.50
N LYS A 157 23.03 -13.01 -17.27
CA LYS A 157 23.70 -14.33 -17.32
C LYS A 157 25.15 -14.17 -17.80
N ASP A 158 25.40 -13.36 -18.84
CA ASP A 158 26.78 -13.12 -19.29
C ASP A 158 27.60 -12.50 -18.15
N LYS A 159 27.04 -11.55 -17.38
CA LYS A 159 27.78 -10.94 -16.27
C LYS A 159 28.12 -11.97 -15.18
N PHE A 160 27.16 -12.80 -14.77
CA PHE A 160 27.41 -13.82 -13.73
C PHE A 160 28.37 -14.89 -14.17
N ASN A 161 28.29 -15.27 -15.45
CA ASN A 161 29.23 -16.29 -15.88
C ASN A 161 30.70 -15.82 -15.79
N LYS A 162 30.94 -14.49 -15.80
CA LYS A 162 32.32 -13.96 -15.77
C LYS A 162 32.89 -13.99 -14.36
N ILE A 163 32.04 -13.97 -13.36
CA ILE A 163 32.47 -13.85 -11.96
C ILE A 163 33.21 -15.08 -11.51
N PRO A 164 34.38 -14.88 -10.88
CA PRO A 164 35.09 -16.03 -10.34
C PRO A 164 34.16 -16.89 -9.48
N ALA A 165 34.15 -18.17 -9.74
CA ALA A 165 33.17 -19.04 -9.11
C ALA A 165 33.24 -19.08 -7.59
N GLU A 166 34.43 -18.92 -7.01
CA GLU A 166 34.56 -18.92 -5.55
C GLU A 166 33.80 -17.76 -4.90
N LYS A 167 33.49 -16.69 -5.66
CA LYS A 167 32.75 -15.54 -5.13
C LYS A 167 31.25 -15.63 -5.30
N LYS A 168 30.79 -16.59 -6.11
CA LYS A 168 29.42 -16.65 -6.57
C LYS A 168 28.50 -17.33 -5.61
N LEU A 169 27.93 -16.55 -4.72
CA LEU A 169 27.02 -17.05 -3.74
C LEU A 169 26.06 -15.92 -3.41
N ILE A 170 24.72 -16.13 -3.49
CA ILE A 170 23.76 -15.10 -3.15
C ILE A 170 23.29 -15.37 -1.74
N VAL A 171 23.63 -14.48 -0.79
CA VAL A 171 23.29 -14.65 0.61
C VAL A 171 22.22 -13.63 0.96
N THR A 172 21.08 -14.12 1.43
CA THR A 172 19.94 -13.30 1.84
C THR A 172 19.39 -13.85 3.17
N SER A 173 18.48 -13.12 3.79
CA SER A 173 17.97 -13.58 5.09
C SER A 173 17.11 -14.84 4.91
N GLU A 174 16.07 -14.75 4.09
CA GLU A 174 15.23 -15.90 3.75
C GLU A 174 15.75 -16.57 2.51
N GLY A 175 15.54 -17.89 2.40
CA GLY A 175 15.92 -18.64 1.23
C GLY A 175 14.94 -18.48 0.07
N ALA A 176 14.76 -17.24 -0.35
CA ALA A 176 13.76 -16.85 -1.34
C ALA A 176 14.32 -16.74 -2.76
N PHE A 177 15.61 -17.02 -2.98
CA PHE A 177 16.23 -16.77 -4.28
C PHE A 177 16.60 -18.07 -4.99
N LYS A 178 15.88 -19.19 -4.72
CA LYS A 178 16.26 -20.42 -5.34
C LYS A 178 15.99 -20.41 -6.85
N TYR A 179 14.95 -19.67 -7.32
CA TYR A 179 14.70 -19.59 -8.74
C TYR A 179 15.78 -18.74 -9.39
N PHE A 180 16.21 -17.68 -8.70
CA PHE A 180 17.30 -16.86 -9.17
C PHE A 180 18.56 -17.74 -9.30
N SER A 181 18.87 -18.53 -8.26
CA SER A 181 20.06 -19.37 -8.25
C SER A 181 20.05 -20.33 -9.42
N LYS A 182 18.90 -20.97 -9.69
CA LYS A 182 18.80 -21.96 -10.77
C LYS A 182 19.01 -21.30 -12.13
N ALA A 183 18.42 -20.14 -12.35
CA ALA A 183 18.52 -19.46 -13.66
C ALA A 183 19.88 -18.90 -13.91
N TYR A 184 20.49 -18.27 -12.89
CA TYR A 184 21.72 -17.52 -13.09
C TYR A 184 22.99 -18.26 -12.69
N GLY A 185 22.86 -19.48 -12.20
CA GLY A 185 24.04 -20.28 -11.83
C GLY A 185 24.77 -19.73 -10.64
N VAL A 186 24.04 -19.13 -9.70
CA VAL A 186 24.59 -18.55 -8.49
C VAL A 186 23.99 -19.28 -7.32
N PRO A 187 24.72 -20.15 -6.64
CA PRO A 187 24.13 -20.87 -5.48
C PRO A 187 23.67 -19.94 -4.36
N SER A 188 22.66 -20.37 -3.56
CA SER A 188 22.02 -19.65 -2.46
C SER A 188 22.55 -20.09 -1.12
N ALA A 189 22.59 -19.14 -0.18
CA ALA A 189 22.79 -19.43 1.23
C ALA A 189 21.96 -18.40 1.98
N TYR A 190 21.42 -18.79 3.12
CA TYR A 190 20.49 -17.94 3.81
C TYR A 190 20.35 -18.29 5.27
N ILE A 191 19.73 -17.37 6.03
CA ILE A 191 19.56 -17.55 7.44
C ILE A 191 18.43 -18.50 7.77
N TRP A 192 17.23 -18.26 7.21
CA TRP A 192 16.08 -19.14 7.49
C TRP A 192 15.41 -19.62 6.20
N GLU A 193 14.89 -20.86 6.27
CA GLU A 193 14.18 -21.46 5.16
C GLU A 193 12.82 -20.83 5.01
N ILE A 194 12.27 -20.97 3.80
CA ILE A 194 10.90 -20.54 3.55
C ILE A 194 10.00 -21.28 4.54
N ASN A 195 8.99 -20.59 5.06
CA ASN A 195 7.97 -21.07 6.00
C ASN A 195 8.50 -21.28 7.41
N THR A 196 9.61 -20.63 7.78
CA THR A 196 10.11 -20.74 9.14
C THR A 196 9.25 -19.89 10.05
N GLU A 197 8.93 -20.38 11.25
CA GLU A 197 8.12 -19.61 12.19
C GLU A 197 8.90 -18.47 12.83
N GLU A 198 10.09 -18.77 13.37
CA GLU A 198 10.92 -17.82 14.11
C GLU A 198 12.09 -17.49 13.24
N GLU A 199 12.07 -16.28 12.72
CA GLU A 199 13.06 -15.78 11.79
C GLU A 199 14.22 -15.07 12.51
N GLY A 200 15.41 -15.56 12.28
CA GLY A 200 16.65 -14.95 12.75
C GLY A 200 17.00 -15.33 14.16
N THR A 201 16.95 -16.63 14.46
CA THR A 201 17.31 -17.13 15.75
C THR A 201 18.81 -17.17 15.87
N PRO A 202 19.33 -17.26 17.12
CA PRO A 202 20.80 -17.37 17.27
C PRO A 202 21.35 -18.62 16.57
N GLU A 203 20.60 -19.76 16.61
CA GLU A 203 21.01 -21.00 15.95
C GLU A 203 21.15 -20.80 14.44
N GLN A 204 20.15 -20.21 13.83
CA GLN A 204 20.18 -19.94 12.39
C GLN A 204 21.35 -19.06 11.99
N ILE A 205 21.58 -18.01 12.80
CA ILE A 205 22.65 -17.04 12.52
C ILE A 205 23.99 -17.76 12.61
N LYS A 206 24.20 -18.50 13.71
CA LYS A 206 25.44 -19.25 13.92
C LYS A 206 25.70 -20.23 12.76
N THR A 207 24.65 -20.94 12.31
CA THR A 207 24.80 -21.87 11.21
C THR A 207 25.25 -21.21 9.93
N LEU A 208 24.67 -20.05 9.59
CA LEU A 208 25.09 -19.40 8.36
C LEU A 208 26.51 -18.83 8.49
N VAL A 209 26.84 -18.26 9.65
CA VAL A 209 28.17 -17.73 9.89
C VAL A 209 29.23 -18.85 9.67
N GLU A 210 28.99 -20.04 10.24
CA GLU A 210 29.93 -21.15 10.09
C GLU A 210 30.07 -21.59 8.64
N LYS A 211 28.97 -21.55 7.86
CA LYS A 211 29.07 -21.87 6.43
C LYS A 211 29.90 -20.84 5.70
N LEU A 212 29.58 -19.56 5.90
CA LEU A 212 30.22 -18.48 5.14
C LEU A 212 31.70 -18.32 5.44
N ARG A 213 32.13 -18.64 6.65
CA ARG A 213 33.56 -18.56 6.98
C ARG A 213 34.41 -19.51 6.11
N GLN A 214 33.80 -20.53 5.53
CA GLN A 214 34.49 -21.49 4.66
C GLN A 214 34.41 -21.06 3.18
N THR A 215 33.82 -19.89 2.86
CA THR A 215 33.68 -19.40 1.50
C THR A 215 34.49 -18.14 1.29
N LYS A 216 34.56 -17.69 0.04
CA LYS A 216 35.20 -16.46 -0.37
C LYS A 216 34.16 -15.45 -0.91
N VAL A 217 32.89 -15.58 -0.51
CA VAL A 217 31.87 -14.64 -0.99
C VAL A 217 32.25 -13.22 -0.48
N PRO A 218 32.31 -12.21 -1.37
CA PRO A 218 32.81 -10.88 -0.93
C PRO A 218 31.75 -9.93 -0.38
N SER A 219 30.48 -10.23 -0.62
CA SER A 219 29.37 -9.39 -0.24
C SER A 219 28.16 -10.21 0.16
N LEU A 220 27.40 -9.68 1.12
CA LEU A 220 26.09 -10.21 1.51
C LEU A 220 25.03 -9.23 1.03
N PHE A 221 23.78 -9.66 1.02
CA PHE A 221 22.64 -8.82 0.63
C PHE A 221 21.56 -8.94 1.64
N VAL A 222 20.63 -8.00 1.63
CA VAL A 222 19.52 -8.06 2.59
C VAL A 222 18.29 -7.57 1.90
N GLU A 223 17.18 -8.24 2.15
CA GLU A 223 15.90 -7.88 1.55
C GLU A 223 15.41 -6.55 2.16
N SER A 224 14.88 -5.66 1.33
CA SER A 224 14.37 -4.39 1.85
C SER A 224 13.13 -4.58 2.72
N SER A 225 12.47 -5.71 2.61
CA SER A 225 11.24 -5.93 3.35
C SER A 225 11.40 -6.72 4.65
N VAL A 226 12.62 -7.12 4.98
CA VAL A 226 12.83 -7.88 6.22
C VAL A 226 13.55 -7.07 7.25
N ASP A 227 13.43 -7.48 8.51
CA ASP A 227 14.21 -6.94 9.60
C ASP A 227 15.69 -7.26 9.28
N ASP A 228 16.56 -6.25 9.20
CA ASP A 228 17.95 -6.47 8.80
C ASP A 228 18.86 -6.81 9.94
N ARG A 229 18.36 -6.91 11.20
CA ARG A 229 19.23 -7.18 12.32
C ARG A 229 19.90 -8.58 12.16
N PRO A 230 19.21 -9.65 11.77
CA PRO A 230 19.91 -10.95 11.59
C PRO A 230 21.05 -10.87 10.58
N MET A 231 20.82 -10.26 9.41
CA MET A 231 21.89 -10.18 8.43
C MET A 231 23.02 -9.24 8.88
N LYS A 232 22.68 -8.14 9.58
CA LYS A 232 23.75 -7.28 10.11
C LYS A 232 24.63 -8.07 11.09
N THR A 233 24.02 -8.95 11.91
CA THR A 233 24.77 -9.77 12.83
C THR A 233 25.67 -10.74 12.02
N VAL A 234 25.13 -11.39 10.98
CA VAL A 234 25.92 -12.32 10.16
C VAL A 234 27.07 -11.56 9.54
N SER A 235 26.78 -10.39 8.98
CA SER A 235 27.82 -9.56 8.38
C SER A 235 28.95 -9.23 9.38
N GLN A 236 28.61 -8.82 10.62
CA GLN A 236 29.62 -8.50 11.62
C GLN A 236 30.41 -9.76 12.04
N ASP A 237 29.71 -10.88 12.21
CA ASP A 237 30.37 -12.09 12.68
C ASP A 237 31.28 -12.72 11.62
N THR A 238 31.00 -12.51 10.33
CA THR A 238 31.82 -13.07 9.23
C THR A 238 32.79 -12.07 8.68
N ASN A 239 32.60 -10.78 8.99
CA ASN A 239 33.38 -9.69 8.43
C ASN A 239 33.17 -9.56 6.91
N ILE A 240 31.97 -9.91 6.44
CA ILE A 240 31.60 -9.77 5.02
C ILE A 240 30.58 -8.66 4.97
N PRO A 241 30.83 -7.58 4.22
CA PRO A 241 29.88 -6.47 4.21
C PRO A 241 28.60 -6.75 3.46
N ILE A 242 27.53 -6.05 3.85
CA ILE A 242 26.26 -6.10 3.14
C ILE A 242 26.37 -5.07 2.03
N TYR A 243 26.39 -5.48 0.78
CA TYR A 243 26.62 -4.53 -0.33
C TYR A 243 25.39 -3.72 -0.64
N ALA A 244 24.21 -4.34 -0.60
CA ALA A 244 22.98 -3.66 -0.98
C ALA A 244 21.76 -4.30 -0.40
N GLN A 245 20.69 -3.49 -0.35
CA GLN A 245 19.34 -3.96 -0.08
C GLN A 245 18.77 -4.39 -1.41
N ILE A 246 18.01 -5.46 -1.47
CA ILE A 246 17.41 -5.91 -2.71
C ILE A 246 15.94 -6.18 -2.58
N PHE A 247 15.27 -6.18 -3.72
CA PHE A 247 13.84 -6.35 -3.76
C PHE A 247 13.48 -7.83 -3.80
N THR A 248 12.40 -8.18 -3.13
CA THR A 248 11.90 -9.55 -3.17
C THR A 248 10.41 -9.62 -3.45
N ASN A 249 9.55 -9.15 -2.56
CA ASN A 249 8.12 -9.43 -2.68
C ASN A 249 7.28 -8.36 -3.37
N SER A 250 7.91 -7.27 -3.76
CA SER A 250 7.18 -6.12 -4.24
C SER A 250 8.08 -5.26 -5.11
N ILE A 251 7.46 -4.49 -5.99
CA ILE A 251 8.17 -3.44 -6.69
C ILE A 251 8.27 -2.24 -5.73
N ALA A 252 8.96 -1.18 -6.15
CA ALA A 252 9.05 0.05 -5.35
C ALA A 252 7.87 0.97 -5.63
N GLU A 253 7.70 2.02 -4.78
CA GLU A 253 6.69 3.05 -5.00
C GLU A 253 6.99 3.79 -6.30
N GLN A 254 5.94 4.28 -6.99
CA GLN A 254 6.03 4.99 -8.27
C GLN A 254 6.99 6.18 -8.16
N GLY A 255 7.92 6.27 -9.11
CA GLY A 255 8.93 7.32 -9.16
C GLY A 255 10.24 6.95 -8.51
N LYS A 256 10.27 5.87 -7.69
CA LYS A 256 11.50 5.43 -7.06
C LYS A 256 12.21 4.41 -7.91
N GLU A 257 13.45 4.14 -7.60
CA GLU A 257 14.20 3.12 -8.31
C GLU A 257 13.52 1.78 -8.05
N GLY A 258 13.34 0.97 -9.10
CA GLY A 258 12.69 -0.32 -8.98
C GLY A 258 11.17 -0.31 -8.96
N ASP A 259 10.54 0.74 -9.51
CA ASP A 259 9.09 0.91 -9.50
C ASP A 259 8.36 0.15 -10.62
N SER A 260 8.92 -0.95 -11.07
CA SER A 260 8.27 -1.82 -12.02
C SER A 260 8.90 -3.19 -11.89
N TYR A 261 8.28 -4.25 -12.40
CA TYR A 261 8.91 -5.58 -12.33
C TYR A 261 10.27 -5.55 -13.07
N TYR A 262 10.29 -4.98 -14.28
CA TYR A 262 11.56 -4.86 -15.01
C TYR A 262 12.60 -4.11 -14.18
N SER A 263 12.26 -2.90 -13.67
CA SER A 263 13.29 -2.07 -13.01
C SER A 263 13.71 -2.67 -11.66
N MET A 264 12.79 -3.39 -11.00
CA MET A 264 13.09 -4.09 -9.74
C MET A 264 14.16 -5.18 -10.02
N MET A 265 13.95 -5.96 -11.09
CA MET A 265 14.86 -7.03 -11.44
C MET A 265 16.17 -6.45 -11.94
N LYS A 266 16.13 -5.37 -12.72
CA LYS A 266 17.39 -4.73 -13.18
C LYS A 266 18.18 -4.25 -11.99
N TYR A 267 17.51 -3.61 -11.04
CA TYR A 267 18.18 -3.15 -9.82
C TYR A 267 18.83 -4.35 -9.10
N ASN A 268 18.08 -5.42 -8.88
CA ASN A 268 18.63 -6.57 -8.16
C ASN A 268 19.82 -7.17 -8.91
N LEU A 269 19.66 -7.36 -10.20
CA LEU A 269 20.69 -7.99 -11.00
C LEU A 269 21.94 -7.11 -11.08
N ASP A 270 21.77 -5.78 -11.16
CA ASP A 270 22.90 -4.87 -11.15
C ASP A 270 23.62 -4.90 -9.79
N LYS A 271 22.87 -4.83 -8.69
CA LYS A 271 23.50 -4.81 -7.37
C LYS A 271 24.18 -6.13 -7.05
N ILE A 272 23.60 -7.27 -7.45
CA ILE A 272 24.18 -8.58 -7.14
C ILE A 272 25.38 -8.82 -8.00
N ALA A 273 25.33 -8.50 -9.33
CA ALA A 273 26.50 -8.65 -10.19
C ALA A 273 27.63 -7.74 -9.70
N GLU A 274 27.31 -6.52 -9.29
CA GLU A 274 28.33 -5.62 -8.77
C GLU A 274 28.92 -6.16 -7.46
N GLY A 275 28.06 -6.50 -6.50
CA GLY A 275 28.51 -6.96 -5.19
C GLY A 275 29.38 -8.19 -5.18
N LEU A 276 29.09 -9.14 -6.11
CA LEU A 276 29.82 -10.41 -6.19
C LEU A 276 31.11 -10.30 -6.99
N ALA A 277 31.29 -9.22 -7.73
CA ALA A 277 32.55 -9.00 -8.45
C ALA A 277 33.56 -8.27 -7.53
N LYS A 278 33.16 -7.85 -6.31
CA LYS A 278 34.06 -7.20 -5.34
C LYS A 278 35.10 -8.18 -4.74
N LYS B 1 19.19 14.55 -0.69
CA LYS B 1 17.86 15.13 -0.45
C LYS B 1 17.38 14.86 0.97
N LEU B 2 16.53 15.77 1.49
CA LEU B 2 15.92 15.57 2.80
C LEU B 2 15.10 14.29 2.80
N LYS B 3 15.26 13.45 3.85
CA LYS B 3 14.55 12.18 4.00
C LYS B 3 13.32 12.45 4.86
N VAL B 4 12.13 12.32 4.26
CA VAL B 4 10.86 12.62 4.91
C VAL B 4 10.00 11.36 5.00
N VAL B 5 9.33 11.19 6.14
CA VAL B 5 8.39 10.08 6.33
C VAL B 5 7.05 10.70 6.69
N ALA B 6 5.99 10.25 6.03
CA ALA B 6 4.61 10.65 6.32
C ALA B 6 3.85 9.43 6.78
N THR B 7 2.95 9.57 7.77
CA THR B 7 2.28 8.35 8.26
C THR B 7 1.20 7.79 7.34
N ASN B 8 0.67 8.55 6.40
CA ASN B 8 -0.41 8.06 5.56
C ASN B 8 -0.49 8.84 4.25
N SER B 9 -1.34 8.38 3.32
CA SER B 9 -1.37 8.90 1.97
C SER B 9 -1.90 10.29 1.86
N ILE B 10 -2.74 10.72 2.79
CA ILE B 10 -3.26 12.09 2.77
C ILE B 10 -2.13 13.05 3.09
N ILE B 11 -1.45 12.79 4.20
CA ILE B 11 -0.30 13.62 4.59
C ILE B 11 0.79 13.57 3.51
N ALA B 12 1.07 12.36 2.98
CA ALA B 12 2.10 12.22 1.96
C ALA B 12 1.72 13.03 0.71
N ASP B 13 0.45 13.00 0.30
CA ASP B 13 0.04 13.74 -0.91
C ASP B 13 0.15 15.27 -0.68
N ILE B 14 -0.25 15.76 0.50
CA ILE B 14 -0.09 17.20 0.79
C ILE B 14 1.39 17.53 0.78
N THR B 15 2.22 16.68 1.39
CA THR B 15 3.68 16.91 1.38
C THR B 15 4.23 16.97 -0.04
N LYS B 16 3.77 16.07 -0.93
CA LYS B 16 4.26 16.07 -2.32
C LYS B 16 3.92 17.39 -3.01
N ASN B 17 2.72 17.96 -2.71
CA ASN B 17 2.29 19.20 -3.34
C ASN B 17 3.06 20.42 -2.84
N ILE B 18 3.70 20.34 -1.64
CA ILE B 18 4.60 21.39 -1.12
C ILE B 18 6.01 21.16 -1.60
N ALA B 19 6.53 19.93 -1.51
CA ALA B 19 7.93 19.64 -1.76
C ALA B 19 8.32 19.13 -3.13
N GLY B 20 7.40 18.57 -3.90
CA GLY B 20 7.73 18.01 -5.21
C GLY B 20 8.85 16.98 -5.17
N ASP B 21 9.77 17.06 -6.12
CA ASP B 21 10.92 16.15 -6.22
C ASP B 21 12.12 16.59 -5.37
N LYS B 22 11.99 17.61 -4.49
CA LYS B 22 13.09 18.08 -3.66
C LYS B 22 13.43 17.15 -2.50
N ILE B 23 12.53 16.20 -2.14
CA ILE B 23 12.76 15.34 -0.98
C ILE B 23 12.67 13.86 -1.36
N ASP B 24 13.11 13.00 -0.45
CA ASP B 24 13.00 11.55 -0.52
C ASP B 24 11.86 11.20 0.45
N LEU B 25 10.66 10.91 -0.08
CA LEU B 25 9.45 10.73 0.73
C LEU B 25 9.03 9.27 0.83
N HIS B 26 8.77 8.80 2.06
CA HIS B 26 8.25 7.47 2.35
C HIS B 26 6.94 7.64 3.09
N SER B 27 5.90 6.92 2.65
CA SER B 27 4.59 6.91 3.29
C SER B 27 4.41 5.57 4.02
N ILE B 28 3.94 5.58 5.28
CA ILE B 28 3.81 4.35 6.06
C ILE B 28 2.53 3.59 5.74
N VAL B 29 1.37 4.15 6.02
CA VAL B 29 0.09 3.48 5.82
C VAL B 29 -0.21 3.53 4.35
N PRO B 30 -0.30 2.38 3.67
CA PRO B 30 -0.51 2.45 2.23
C PRO B 30 -1.92 2.87 1.85
N ILE B 31 -2.05 3.24 0.57
CA ILE B 31 -3.30 3.67 0.03
C ILE B 31 -4.34 2.61 0.28
N GLY B 32 -5.45 3.06 0.83
CA GLY B 32 -6.59 2.24 1.13
C GLY B 32 -6.51 1.49 2.44
N GLN B 33 -5.43 1.67 3.19
CA GLN B 33 -5.32 1.01 4.50
C GLN B 33 -5.77 1.95 5.63
N ASP B 34 -5.99 1.38 6.80
CA ASP B 34 -6.50 2.20 7.91
C ASP B 34 -5.36 2.69 8.80
N PRO B 35 -5.27 4.00 9.07
CA PRO B 35 -4.18 4.43 9.94
C PRO B 35 -4.37 4.02 11.40
N HIS B 36 -5.59 4.11 11.87
CA HIS B 36 -5.94 3.85 13.26
C HIS B 36 -5.15 2.70 13.94
N GLU B 37 -5.29 1.45 13.44
CA GLU B 37 -4.69 0.29 14.10
C GLU B 37 -3.63 -0.43 13.20
N TYR B 38 -2.86 0.33 12.43
CA TYR B 38 -1.88 -0.23 11.49
C TYR B 38 -0.71 -0.91 12.19
N GLU B 39 -0.06 -1.86 11.51
CA GLU B 39 1.12 -2.52 12.05
C GLU B 39 2.33 -2.21 11.14
N PRO B 40 3.23 -1.29 11.52
CA PRO B 40 4.39 -0.98 10.67
C PRO B 40 5.23 -2.20 10.36
N LEU B 41 5.82 -2.20 9.18
CA LEU B 41 6.67 -3.29 8.72
C LEU B 41 8.12 -2.89 8.88
N PRO B 42 9.06 -3.85 8.71
CA PRO B 42 10.47 -3.50 8.88
C PRO B 42 10.96 -2.34 8.03
N GLU B 43 10.42 -2.18 6.81
CA GLU B 43 10.83 -1.06 5.97
C GLU B 43 10.42 0.29 6.61
N ASP B 44 9.27 0.32 7.28
CA ASP B 44 8.81 1.55 7.92
C ASP B 44 9.70 1.89 9.10
N VAL B 45 10.14 0.87 9.85
CA VAL B 45 11.03 1.05 10.97
C VAL B 45 12.36 1.63 10.46
N LYS B 46 12.92 1.04 9.40
CA LYS B 46 14.19 1.51 8.87
C LYS B 46 14.10 2.93 8.30
N LYS B 47 13.06 3.22 7.54
CA LYS B 47 12.90 4.56 6.97
C LYS B 47 12.68 5.62 8.03
N THR B 48 11.97 5.27 9.13
CA THR B 48 11.71 6.21 10.20
C THR B 48 13.03 6.49 10.94
N SER B 49 13.85 5.45 11.19
CA SER B 49 15.14 5.57 11.84
C SER B 49 16.06 6.50 11.06
N GLU B 50 15.98 6.48 9.72
CA GLU B 50 16.82 7.30 8.84
C GLU B 50 16.26 8.68 8.53
N ALA B 51 14.99 8.93 8.82
CA ALA B 51 14.39 10.18 8.42
C ALA B 51 14.95 11.41 9.09
N ASP B 52 15.00 12.50 8.34
CA ASP B 52 15.32 13.82 8.86
C ASP B 52 14.09 14.47 9.44
N LEU B 53 12.90 14.19 8.83
CA LEU B 53 11.64 14.81 9.20
C LEU B 53 10.50 13.81 9.08
N ILE B 54 9.67 13.72 10.12
CA ILE B 54 8.53 12.81 10.15
C ILE B 54 7.27 13.61 10.36
N PHE B 55 6.22 13.35 9.57
CA PHE B 55 4.92 13.99 9.71
C PHE B 55 3.86 13.00 10.09
N TYR B 56 3.10 13.29 11.14
CA TYR B 56 2.01 12.44 11.55
C TYR B 56 0.78 13.32 11.79
N ASN B 57 -0.39 12.70 11.80
CA ASN B 57 -1.61 13.47 11.94
C ASN B 57 -1.74 14.09 13.31
N GLY B 58 -1.41 13.31 14.32
CA GLY B 58 -1.65 13.71 15.69
C GLY B 58 -3.12 13.52 16.02
N ILE B 59 -3.56 14.24 17.05
CA ILE B 59 -4.92 14.18 17.57
C ILE B 59 -5.47 12.74 17.60
N ASN B 60 -4.62 11.80 18.07
CA ASN B 60 -4.91 10.41 18.39
C ASN B 60 -5.16 9.48 17.23
N LEU B 61 -4.86 9.89 16.01
CA LEU B 61 -5.05 8.99 14.89
C LEU B 61 -4.16 7.76 14.96
N GLU B 62 -2.87 8.00 15.17
CA GLU B 62 -1.86 6.93 15.18
C GLU B 62 -1.31 6.59 16.54
N THR B 63 -1.73 7.29 17.62
CA THR B 63 -1.19 7.14 18.97
C THR B 63 -2.23 6.50 19.94
N GLY B 64 -3.45 6.22 19.45
CA GLY B 64 -4.49 5.52 20.22
C GLY B 64 -4.41 4.04 19.95
N GLY B 65 -5.09 3.24 20.79
CA GLY B 65 -5.13 1.79 20.68
C GLY B 65 -3.75 1.17 20.80
N ASN B 66 -3.26 0.56 19.69
CA ASN B 66 -1.95 -0.08 19.69
C ASN B 66 -0.80 0.95 19.73
N ALA B 67 -1.11 2.26 19.58
CA ALA B 67 -0.14 3.37 19.62
C ALA B 67 1.07 3.05 18.78
N TRP B 68 0.79 2.60 17.55
CA TRP B 68 1.84 2.18 16.66
C TRP B 68 2.83 3.28 16.37
N PHE B 69 2.37 4.54 16.29
CA PHE B 69 3.31 5.61 15.96
C PHE B 69 4.23 5.88 17.14
N THR B 70 3.69 5.84 18.35
CA THR B 70 4.50 6.06 19.55
C THR B 70 5.59 5.02 19.63
N LYS B 71 5.23 3.74 19.43
CA LYS B 71 6.24 2.65 19.47
C LYS B 71 7.29 2.86 18.38
N LEU B 72 6.84 3.25 17.16
CA LEU B 72 7.73 3.49 16.04
C LEU B 72 8.78 4.58 16.35
N VAL B 73 8.34 5.77 16.79
CA VAL B 73 9.29 6.88 17.05
C VAL B 73 10.13 6.58 18.30
N GLU B 74 9.63 5.82 19.26
CA GLU B 74 10.46 5.48 20.42
C GLU B 74 11.59 4.52 20.04
N ASN B 75 11.29 3.50 19.22
CA ASN B 75 12.30 2.55 18.75
C ASN B 75 13.28 3.21 17.76
N ALA B 76 12.76 4.18 16.99
CA ALA B 76 13.56 4.95 16.03
C ALA B 76 14.39 6.03 16.71
N LYS B 77 14.19 6.26 18.04
CA LYS B 77 14.82 7.28 18.87
C LYS B 77 14.65 8.66 18.21
N LYS B 78 13.42 9.00 17.89
CA LYS B 78 13.10 10.29 17.27
C LYS B 78 12.32 11.13 18.29
N THR B 79 12.57 12.45 18.33
CA THR B 79 12.03 13.36 19.35
C THR B 79 10.94 14.26 18.81
N GLU B 80 9.93 14.45 19.65
CA GLU B 80 8.77 15.31 19.33
C GLU B 80 9.19 16.75 19.15
N ASN B 81 8.70 17.37 18.07
CA ASN B 81 8.96 18.77 17.71
C ASN B 81 10.46 19.05 17.42
N LYS B 82 11.23 18.01 17.11
CA LYS B 82 12.61 18.07 16.67
C LYS B 82 12.70 17.27 15.36
N ASP B 83 12.31 15.98 15.47
CA ASP B 83 12.30 15.04 14.36
C ASP B 83 10.92 14.83 13.80
N TYR B 84 9.89 14.76 14.68
CA TYR B 84 8.53 14.48 14.21
C TYR B 84 7.57 15.53 14.66
N PHE B 85 6.60 15.83 13.76
CA PHE B 85 5.66 16.96 13.92
C PHE B 85 4.25 16.57 13.57
N ALA B 86 3.29 16.96 14.42
CA ALA B 86 1.87 16.72 14.14
C ALA B 86 1.40 17.79 13.19
N VAL B 87 0.92 17.42 12.01
CA VAL B 87 0.48 18.41 11.03
C VAL B 87 -0.84 19.06 11.42
N SER B 88 -1.55 18.52 12.42
CA SER B 88 -2.79 19.10 12.87
C SER B 88 -2.57 20.25 13.88
N ASP B 89 -1.34 20.54 14.29
CA ASP B 89 -1.13 21.62 15.28
C ASP B 89 -1.71 22.93 14.75
N GLY B 90 -2.65 23.50 15.49
CA GLY B 90 -3.32 24.73 15.06
C GLY B 90 -4.75 24.56 14.60
N VAL B 91 -5.21 23.31 14.38
CA VAL B 91 -6.60 23.11 14.05
C VAL B 91 -7.49 23.40 15.28
N ASP B 92 -8.71 23.79 15.03
CA ASP B 92 -9.75 23.97 16.04
C ASP B 92 -10.30 22.56 16.32
N VAL B 93 -9.77 21.96 17.38
CA VAL B 93 -10.03 20.57 17.70
C VAL B 93 -11.50 20.33 18.10
N ILE B 94 -12.02 19.17 17.70
CA ILE B 94 -13.33 18.62 18.09
C ILE B 94 -13.02 17.50 19.03
N TYR B 95 -13.79 17.34 20.08
CA TYR B 95 -13.60 16.30 21.08
C TYR B 95 -14.74 15.30 21.06
N LEU B 96 -14.42 14.03 21.24
CA LEU B 96 -15.45 12.97 21.37
C LEU B 96 -16.42 13.32 22.49
N GLU B 97 -17.72 13.26 22.20
CA GLU B 97 -18.82 13.59 23.12
C GLU B 97 -18.73 15.04 23.65
N GLY B 98 -18.01 15.92 22.93
CA GLY B 98 -17.85 17.30 23.34
C GLY B 98 -17.18 17.47 24.69
N GLN B 99 -16.29 16.56 25.07
CA GLN B 99 -15.60 16.61 26.35
C GLN B 99 -14.11 16.93 26.13
N ASN B 100 -13.73 18.17 26.47
CA ASN B 100 -12.38 18.69 26.29
C ASN B 100 -11.41 18.12 27.31
N GLU B 101 -10.74 17.06 26.93
CA GLU B 101 -9.69 16.40 27.71
C GLU B 101 -8.66 15.85 26.77
N LYS B 102 -7.41 15.78 27.22
CA LYS B 102 -6.34 15.16 26.44
C LYS B 102 -6.68 13.69 26.19
N GLY B 103 -6.52 13.28 24.94
CA GLY B 103 -6.87 11.93 24.50
C GLY B 103 -8.24 11.80 23.90
N LYS B 104 -9.12 12.80 24.05
CA LYS B 104 -10.46 12.71 23.48
C LYS B 104 -10.58 13.48 22.18
N GLU B 105 -9.47 14.02 21.66
CA GLU B 105 -9.54 14.73 20.38
C GLU B 105 -10.02 13.78 19.26
N ASP B 106 -10.94 14.24 18.40
CA ASP B 106 -11.40 13.52 17.24
C ASP B 106 -10.31 13.72 16.17
N PRO B 107 -9.77 12.64 15.63
CA PRO B 107 -8.63 12.79 14.73
C PRO B 107 -8.92 13.24 13.30
N HIS B 108 -10.17 13.23 12.86
CA HIS B 108 -10.51 13.34 11.43
C HIS B 108 -10.53 14.75 10.87
N ALA B 109 -9.54 15.54 11.22
CA ALA B 109 -9.50 16.98 10.93
C ALA B 109 -9.46 17.35 9.44
N TRP B 110 -8.88 16.50 8.62
CA TRP B 110 -8.65 16.81 7.23
C TRP B 110 -9.93 16.81 6.40
N LEU B 111 -11.07 16.38 6.95
CA LEU B 111 -12.34 16.41 6.20
C LEU B 111 -12.98 17.82 6.21
N ASN B 112 -12.30 18.86 6.78
CA ASN B 112 -12.56 20.31 6.61
C ASN B 112 -11.34 20.83 5.81
N LEU B 113 -11.52 21.38 4.60
CA LEU B 113 -10.42 21.90 3.80
C LEU B 113 -9.58 22.99 4.53
N GLU B 114 -10.20 23.77 5.45
CA GLU B 114 -9.42 24.72 6.25
C GLU B 114 -8.30 23.99 7.02
N ASN B 115 -8.59 22.76 7.50
CA ASN B 115 -7.58 21.96 8.19
C ASN B 115 -6.56 21.36 7.22
N GLY B 116 -6.96 20.97 6.01
CA GLY B 116 -5.99 20.59 4.99
C GLY B 116 -5.00 21.73 4.73
N ILE B 117 -5.49 23.00 4.75
CA ILE B 117 -4.63 24.16 4.58
C ILE B 117 -3.66 24.27 5.79
N ILE B 118 -4.16 24.06 7.02
CA ILE B 118 -3.30 24.09 8.20
C ILE B 118 -2.24 22.97 8.10
N PHE B 119 -2.64 21.77 7.65
CA PHE B 119 -1.68 20.69 7.48
C PHE B 119 -0.54 21.15 6.56
N ALA B 120 -0.93 21.70 5.40
CA ALA B 120 0.02 22.18 4.40
C ALA B 120 0.94 23.25 4.99
N LYS B 121 0.38 24.20 5.73
CA LYS B 121 1.22 25.25 6.36
C LYS B 121 2.25 24.66 7.34
N ASN B 122 1.85 23.66 8.13
CA ASN B 122 2.78 23.03 9.07
C ASN B 122 3.85 22.25 8.31
N ILE B 123 3.45 21.60 7.22
CA ILE B 123 4.41 20.84 6.41
C ILE B 123 5.44 21.78 5.77
N ALA B 124 4.97 22.87 5.14
CA ALA B 124 5.88 23.85 4.53
C ALA B 124 6.84 24.44 5.54
N LYS B 125 6.33 24.76 6.76
CA LYS B 125 7.15 25.34 7.83
C LYS B 125 8.32 24.43 8.21
N GLN B 126 8.02 23.13 8.44
CA GLN B 126 9.03 22.21 8.90
C GLN B 126 9.99 21.78 7.78
N LEU B 127 9.50 21.69 6.54
CA LEU B 127 10.37 21.43 5.40
C LEU B 127 11.37 22.59 5.26
N SER B 128 10.87 23.84 5.35
CA SER B 128 11.73 25.04 5.23
C SER B 128 12.78 25.10 6.33
N ALA B 129 12.42 24.68 7.56
CA ALA B 129 13.35 24.69 8.70
C ALA B 129 14.49 23.69 8.54
N LYS B 130 14.18 22.50 8.01
CA LYS B 130 15.15 21.43 7.82
C LYS B 130 15.96 21.57 6.52
N ASP B 131 15.37 22.22 5.50
CA ASP B 131 16.00 22.35 4.19
C ASP B 131 15.86 23.80 3.72
N PRO B 132 16.58 24.73 4.39
CA PRO B 132 16.45 26.15 4.04
C PRO B 132 16.82 26.50 2.60
N ASN B 133 17.65 25.70 1.91
CA ASN B 133 17.99 25.98 0.50
C ASN B 133 16.75 26.02 -0.42
N ASN B 134 15.69 25.26 -0.08
CA ASN B 134 14.48 25.18 -0.90
C ASN B 134 13.29 25.94 -0.28
N LYS B 135 13.55 26.80 0.74
CA LYS B 135 12.54 27.58 1.46
C LYS B 135 11.63 28.37 0.51
N GLU B 136 12.21 29.12 -0.48
CA GLU B 136 11.38 29.91 -1.41
C GLU B 136 10.45 29.03 -2.24
N PHE B 137 10.95 27.86 -2.68
CA PHE B 137 10.20 26.86 -3.46
C PHE B 137 9.01 26.30 -2.63
N TYR B 138 9.27 25.96 -1.36
CA TYR B 138 8.23 25.45 -0.45
C TYR B 138 7.16 26.51 -0.19
N GLU B 139 7.57 27.78 -0.01
CA GLU B 139 6.64 28.89 0.24
C GLU B 139 5.75 29.19 -1.00
N LYS B 140 6.32 29.16 -2.21
CA LYS B 140 5.56 29.38 -3.45
C LYS B 140 4.52 28.29 -3.66
N ASN B 141 4.93 27.01 -3.47
CA ASN B 141 4.03 25.88 -3.61
C ASN B 141 2.94 25.90 -2.58
N LEU B 142 3.26 26.26 -1.35
CA LEU B 142 2.25 26.39 -0.30
C LEU B 142 1.18 27.40 -0.71
N LYS B 143 1.58 28.56 -1.24
CA LYS B 143 0.58 29.56 -1.63
C LYS B 143 -0.32 29.05 -2.77
N GLU B 144 0.27 28.40 -3.77
CA GLU B 144 -0.51 27.88 -4.88
C GLU B 144 -1.45 26.76 -4.41
N TYR B 145 -0.95 25.90 -3.54
CA TYR B 145 -1.73 24.76 -3.06
C TYR B 145 -2.89 25.20 -2.16
N THR B 146 -2.61 26.10 -1.22
CA THR B 146 -3.67 26.57 -0.31
C THR B 146 -4.70 27.42 -1.09
N ASP B 147 -4.28 28.12 -2.19
CA ASP B 147 -5.29 28.82 -3.02
C ASP B 147 -6.26 27.83 -3.64
N LYS B 148 -5.71 26.72 -4.15
CA LYS B 148 -6.50 25.68 -4.78
C LYS B 148 -7.50 25.06 -3.77
N LEU B 149 -7.04 24.75 -2.55
CA LEU B 149 -7.94 24.19 -1.53
C LEU B 149 -9.00 25.21 -1.07
N ASP B 150 -8.59 26.46 -0.92
CA ASP B 150 -9.50 27.55 -0.53
C ASP B 150 -10.61 27.76 -1.56
N LYS B 151 -10.27 27.76 -2.87
CA LYS B 151 -11.30 27.90 -3.90
C LYS B 151 -12.32 26.77 -3.79
N LEU B 152 -11.86 25.52 -3.62
CA LEU B 152 -12.76 24.37 -3.49
C LEU B 152 -13.63 24.47 -2.22
N ASP B 153 -13.05 24.97 -1.14
CA ASP B 153 -13.74 25.15 0.13
C ASP B 153 -14.89 26.15 -0.02
N LYS B 154 -14.63 27.30 -0.71
CA LYS B 154 -15.64 28.32 -0.92
C LYS B 154 -16.76 27.81 -1.85
N GLU B 155 -16.42 27.10 -2.92
CA GLU B 155 -17.43 26.55 -3.84
C GLU B 155 -18.28 25.48 -3.18
N SER B 156 -17.66 24.65 -2.36
CA SER B 156 -18.39 23.60 -1.68
C SER B 156 -19.31 24.23 -0.62
N LYS B 157 -18.86 25.27 0.11
CA LYS B 157 -19.76 26.00 1.04
C LYS B 157 -20.94 26.57 0.28
N ASP B 158 -20.69 27.19 -0.86
CA ASP B 158 -21.79 27.72 -1.66
C ASP B 158 -22.81 26.62 -2.07
N LYS B 159 -22.35 25.43 -2.46
CA LYS B 159 -23.25 24.34 -2.84
C LYS B 159 -24.07 23.80 -1.68
N PHE B 160 -23.39 23.53 -0.54
CA PHE B 160 -24.10 23.03 0.66
C PHE B 160 -25.14 23.96 1.14
N ASN B 161 -24.87 25.28 1.14
CA ASN B 161 -25.85 26.24 1.60
C ASN B 161 -27.15 26.24 0.78
N LYS B 162 -27.10 25.77 -0.49
CA LYS B 162 -28.29 25.76 -1.37
C LYS B 162 -29.19 24.56 -1.12
N ILE B 163 -28.64 23.46 -0.57
CA ILE B 163 -29.39 22.21 -0.32
C ILE B 163 -30.55 22.49 0.66
N PRO B 164 -31.83 22.12 0.36
CA PRO B 164 -32.93 22.30 1.34
C PRO B 164 -32.52 21.73 2.68
N ALA B 165 -32.71 22.50 3.73
CA ALA B 165 -32.16 22.11 5.03
C ALA B 165 -32.69 20.79 5.55
N GLU B 166 -33.94 20.44 5.26
CA GLU B 166 -34.49 19.17 5.74
C GLU B 166 -33.75 17.94 5.16
N LYS B 167 -33.11 18.11 4.00
CA LYS B 167 -32.33 17.04 3.33
C LYS B 167 -30.86 16.99 3.81
N LYS B 168 -30.37 17.98 4.56
CA LYS B 168 -28.94 18.14 4.88
C LYS B 168 -28.50 17.38 6.09
N LEU B 169 -28.10 16.15 5.84
CA LEU B 169 -27.60 15.26 6.87
C LEU B 169 -26.62 14.34 6.22
N ILE B 170 -25.39 14.24 6.76
CA ILE B 170 -24.39 13.30 6.19
C ILE B 170 -24.40 12.06 7.04
N VAL B 171 -24.84 10.93 6.44
CA VAL B 171 -24.94 9.66 7.16
C VAL B 171 -23.86 8.72 6.65
N THR B 172 -22.99 8.27 7.56
CA THR B 172 -21.90 7.35 7.28
C THR B 172 -21.87 6.26 8.36
N SER B 173 -21.03 5.23 8.17
CA SER B 173 -21.02 4.14 9.13
C SER B 173 -20.40 4.61 10.45
N GLU B 174 -19.18 5.13 10.36
CA GLU B 174 -18.49 5.66 11.53
C GLU B 174 -18.69 7.16 11.61
N GLY B 175 -18.73 7.72 12.83
CA GLY B 175 -18.90 9.15 13.03
C GLY B 175 -17.63 9.92 12.77
N ALA B 176 -17.13 9.88 11.53
CA ALA B 176 -15.84 10.40 11.17
C ALA B 176 -15.93 11.75 10.45
N PHE B 177 -17.13 12.28 10.29
CA PHE B 177 -17.31 13.51 9.51
C PHE B 177 -17.67 14.74 10.37
N LYS B 178 -17.28 14.74 11.69
CA LYS B 178 -17.64 15.85 12.54
C LYS B 178 -16.96 17.17 12.15
N TYR B 179 -15.71 17.10 11.62
CA TYR B 179 -15.05 18.31 11.16
C TYR B 179 -15.70 18.81 9.88
N PHE B 180 -16.12 17.90 9.04
CA PHE B 180 -16.84 18.22 7.81
C PHE B 180 -18.17 18.94 8.20
N SER B 181 -18.86 18.39 9.19
CA SER B 181 -20.16 18.94 9.62
C SER B 181 -20.00 20.36 10.14
N LYS B 182 -18.98 20.59 10.95
CA LYS B 182 -18.75 21.90 11.53
C LYS B 182 -18.42 22.92 10.45
N ALA B 183 -17.57 22.54 9.50
CA ALA B 183 -17.10 23.44 8.48
C ALA B 183 -18.16 23.80 7.48
N TYR B 184 -18.96 22.81 7.05
CA TYR B 184 -19.93 22.97 5.94
C TYR B 184 -21.39 23.11 6.36
N GLY B 185 -21.69 23.03 7.66
CA GLY B 185 -23.07 23.22 8.12
C GLY B 185 -23.97 22.07 7.74
N VAL B 186 -23.43 20.85 7.70
CA VAL B 186 -24.20 19.66 7.38
C VAL B 186 -24.13 18.75 8.58
N PRO B 187 -25.19 18.62 9.39
CA PRO B 187 -25.12 17.72 10.57
C PRO B 187 -24.83 16.28 10.20
N SER B 188 -24.21 15.55 11.12
CA SER B 188 -23.78 14.16 11.02
C SER B 188 -24.73 13.22 11.69
N ALA B 189 -24.85 11.98 11.15
CA ALA B 189 -25.47 10.86 11.82
C ALA B 189 -24.72 9.61 11.38
N TYR B 190 -24.63 8.63 12.25
CA TYR B 190 -23.81 7.49 11.96
C TYR B 190 -24.17 6.28 12.79
N ILE B 191 -23.62 5.10 12.39
CA ILE B 191 -23.92 3.86 13.05
C ILE B 191 -23.11 3.71 14.33
N TRP B 192 -21.80 3.87 14.26
CA TRP B 192 -20.95 3.71 15.46
C TRP B 192 -20.04 4.92 15.66
N GLU B 193 -19.79 5.22 16.94
CA GLU B 193 -18.90 6.30 17.32
C GLU B 193 -17.47 5.90 17.06
N ILE B 194 -16.63 6.90 16.99
CA ILE B 194 -15.20 6.67 16.88
C ILE B 194 -14.75 5.84 18.11
N ASN B 195 -13.83 4.92 17.90
CA ASN B 195 -13.22 4.04 18.90
C ASN B 195 -14.17 2.97 19.41
N THR B 196 -15.22 2.65 18.65
CA THR B 196 -16.12 1.57 19.05
C THR B 196 -15.41 0.23 18.83
N GLU B 197 -15.55 -0.73 19.75
CA GLU B 197 -14.89 -2.03 19.59
C GLU B 197 -15.61 -2.93 18.59
N GLU B 198 -16.95 -2.98 18.64
CA GLU B 198 -17.77 -3.84 17.80
C GLU B 198 -18.57 -2.96 16.89
N GLU B 199 -18.20 -2.95 15.61
CA GLU B 199 -18.78 -2.09 14.60
C GLU B 199 -19.93 -2.77 13.88
N GLY B 200 -21.09 -2.14 13.94
CA GLY B 200 -22.28 -2.53 13.22
C GLY B 200 -23.12 -3.58 13.93
N THR B 201 -23.35 -3.38 15.22
CA THR B 201 -24.15 -4.31 16.00
C THR B 201 -25.64 -4.05 15.72
N PRO B 202 -26.51 -5.01 16.07
CA PRO B 202 -27.97 -4.76 15.88
C PRO B 202 -28.47 -3.53 16.64
N GLU B 203 -27.86 -3.26 17.82
CA GLU B 203 -28.25 -2.13 18.67
C GLU B 203 -27.95 -0.80 17.97
N GLN B 204 -26.75 -0.70 17.42
CA GLN B 204 -26.34 0.49 16.69
C GLN B 204 -27.17 0.76 15.46
N ILE B 205 -27.45 -0.31 14.72
CA ILE B 205 -28.24 -0.20 13.50
C ILE B 205 -29.65 0.26 13.86
N LYS B 206 -30.28 -0.37 14.85
CA LYS B 206 -31.63 0.00 15.27
C LYS B 206 -31.69 1.47 15.68
N THR B 207 -30.68 1.94 16.43
CA THR B 207 -30.63 3.33 16.88
C THR B 207 -30.59 4.30 15.69
N LEU B 208 -29.76 4.01 14.69
CA LEU B 208 -29.70 4.93 13.55
C LEU B 208 -30.97 4.87 12.71
N VAL B 209 -31.52 3.68 12.51
CA VAL B 209 -32.77 3.52 11.76
C VAL B 209 -33.89 4.38 12.42
N GLU B 210 -34.03 4.31 13.75
CA GLU B 210 -35.06 5.08 14.44
C GLU B 210 -34.82 6.56 14.30
N LYS B 211 -33.56 7.02 14.29
CA LYS B 211 -33.29 8.44 14.09
C LYS B 211 -33.69 8.86 12.68
N LEU B 212 -33.25 8.11 11.69
CA LEU B 212 -33.45 8.48 10.28
C LEU B 212 -34.89 8.46 9.85
N ARG B 213 -35.72 7.60 10.44
CA ARG B 213 -37.14 7.58 10.11
C ARG B 213 -37.85 8.91 10.45
N GLN B 214 -37.26 9.73 11.33
CA GLN B 214 -37.80 11.03 11.72
C GLN B 214 -37.20 12.17 10.87
N THR B 215 -36.38 11.85 9.86
CA THR B 215 -35.75 12.84 8.97
C THR B 215 -36.24 12.67 7.53
N LYS B 216 -35.88 13.63 6.68
CA LYS B 216 -36.18 13.61 5.26
C LYS B 216 -34.88 13.46 4.44
N VAL B 217 -33.80 12.95 5.04
CA VAL B 217 -32.54 12.80 4.30
C VAL B 217 -32.79 11.84 3.10
N PRO B 218 -32.42 12.25 1.85
CA PRO B 218 -32.79 11.44 0.67
C PRO B 218 -31.78 10.35 0.29
N SER B 219 -30.56 10.44 0.83
CA SER B 219 -29.48 9.54 0.49
C SER B 219 -28.61 9.26 1.71
N LEU B 220 -28.06 8.05 1.75
CA LEU B 220 -27.05 7.66 2.71
C LEU B 220 -25.75 7.51 1.95
N PHE B 221 -24.63 7.46 2.69
CA PHE B 221 -23.31 7.25 2.09
C PHE B 221 -22.61 6.15 2.84
N VAL B 222 -21.55 5.64 2.25
CA VAL B 222 -20.81 4.58 2.90
C VAL B 222 -19.37 4.78 2.56
N GLU B 223 -18.50 4.59 3.55
CA GLU B 223 -17.08 4.76 3.38
C GLU B 223 -16.54 3.60 2.49
N SER B 224 -15.65 3.91 1.56
CA SER B 224 -15.08 2.86 0.70
C SER B 224 -14.21 1.90 1.49
N SER B 225 -13.77 2.29 2.66
CA SER B 225 -12.88 1.43 3.41
C SER B 225 -13.54 0.55 4.46
N VAL B 226 -14.85 0.66 4.63
CA VAL B 226 -15.54 -0.13 5.65
C VAL B 226 -16.38 -1.21 5.04
N ASP B 227 -16.72 -2.20 5.84
CA ASP B 227 -17.66 -3.24 5.49
C ASP B 227 -19.01 -2.54 5.32
N ASP B 228 -19.64 -2.67 4.14
CA ASP B 228 -20.88 -1.93 3.86
C ASP B 228 -22.13 -2.67 4.31
N ARG B 229 -22.03 -3.87 4.95
CA ARG B 229 -23.21 -4.62 5.38
C ARG B 229 -24.05 -3.78 6.40
N PRO B 230 -23.46 -3.17 7.44
CA PRO B 230 -24.28 -2.37 8.38
C PRO B 230 -25.06 -1.25 7.68
N MET B 231 -24.42 -0.50 6.80
CA MET B 231 -25.14 0.55 6.12
C MET B 231 -26.17 0.01 5.12
N LYS B 232 -25.91 -1.14 4.51
CA LYS B 232 -26.92 -1.71 3.64
C LYS B 232 -28.14 -2.10 4.47
N THR B 233 -27.91 -2.57 5.69
CA THR B 233 -29.02 -2.93 6.56
C THR B 233 -29.81 -1.70 6.95
N VAL B 234 -29.12 -0.59 7.22
CA VAL B 234 -29.78 0.66 7.59
C VAL B 234 -30.62 1.16 6.41
N SER B 235 -30.09 0.98 5.22
CA SER B 235 -30.70 1.45 3.98
C SER B 235 -31.99 0.68 3.73
N GLN B 236 -31.95 -0.61 4.00
CA GLN B 236 -33.08 -1.48 3.72
C GLN B 236 -34.19 -1.21 4.75
N ASP B 237 -33.80 -0.97 5.99
CA ASP B 237 -34.73 -0.76 7.07
C ASP B 237 -35.42 0.61 7.00
N THR B 238 -34.73 1.60 6.46
CA THR B 238 -35.24 2.96 6.32
C THR B 238 -35.77 3.27 4.93
N ASN B 239 -35.46 2.40 3.99
CA ASN B 239 -35.75 2.64 2.56
C ASN B 239 -35.13 3.91 2.00
N ILE B 240 -33.94 4.25 2.50
CA ILE B 240 -33.17 5.40 2.00
C ILE B 240 -31.99 4.81 1.25
N PRO B 241 -31.82 5.13 -0.04
CA PRO B 241 -30.71 4.51 -0.80
C PRO B 241 -29.34 5.05 -0.45
N ILE B 242 -28.32 4.22 -0.69
CA ILE B 242 -26.94 4.63 -0.52
C ILE B 242 -26.51 5.25 -1.85
N TYR B 243 -26.26 6.56 -1.89
CA TYR B 243 -25.98 7.21 -3.17
C TYR B 243 -24.57 6.93 -3.69
N ALA B 244 -23.60 6.91 -2.80
CA ALA B 244 -22.22 6.77 -3.21
C ALA B 244 -21.35 6.28 -2.09
N GLN B 245 -20.21 5.73 -2.50
CA GLN B 245 -19.10 5.40 -1.64
C GLN B 245 -18.27 6.68 -1.53
N ILE B 246 -17.76 7.02 -0.37
CA ILE B 246 -16.97 8.24 -0.19
C ILE B 246 -15.66 7.93 0.48
N PHE B 247 -14.70 8.81 0.30
CA PHE B 247 -13.38 8.64 0.87
C PHE B 247 -13.33 9.20 2.28
N THR B 248 -12.60 8.53 3.14
CA THR B 248 -12.44 9.01 4.50
C THR B 248 -11.00 8.99 4.92
N ASN B 249 -10.36 7.83 4.92
CA ASN B 249 -9.04 7.64 5.53
C ASN B 249 -7.85 7.75 4.59
N SER B 250 -8.12 7.74 3.30
CA SER B 250 -7.08 7.61 2.31
C SER B 250 -7.50 8.26 1.01
N ILE B 251 -6.51 8.58 0.19
CA ILE B 251 -6.77 9.01 -1.17
C ILE B 251 -6.93 7.71 -1.97
N ALA B 252 -7.22 7.82 -3.28
CA ALA B 252 -7.31 6.65 -4.18
C ALA B 252 -5.96 6.30 -4.77
N GLU B 253 -5.87 5.09 -5.40
CA GLU B 253 -4.67 4.68 -6.13
C GLU B 253 -4.41 5.64 -7.28
N GLN B 254 -3.13 5.85 -7.64
CA GLN B 254 -2.70 6.75 -8.73
C GLN B 254 -3.41 6.42 -10.05
N GLY B 255 -3.98 7.44 -10.68
CA GLY B 255 -4.71 7.30 -11.93
C GLY B 255 -6.21 7.13 -11.75
N LYS B 256 -6.67 6.82 -10.52
CA LYS B 256 -8.10 6.67 -10.27
C LYS B 256 -8.68 7.98 -9.80
N GLU B 257 -9.99 8.06 -9.81
CA GLU B 257 -10.65 9.25 -9.32
C GLU B 257 -10.36 9.37 -7.82
N GLY B 258 -10.03 10.57 -7.38
CA GLY B 258 -9.72 10.84 -5.98
C GLY B 258 -8.31 10.51 -5.55
N ASP B 259 -7.33 10.45 -6.50
CA ASP B 259 -5.94 10.07 -6.25
C ASP B 259 -5.04 11.21 -5.70
N SER B 260 -5.62 12.14 -4.97
CA SER B 260 -4.89 13.19 -4.29
C SER B 260 -5.78 13.72 -3.18
N TYR B 261 -5.23 14.46 -2.20
CA TYR B 261 -6.06 15.04 -1.16
C TYR B 261 -7.12 15.99 -1.79
N TYR B 262 -6.65 16.87 -2.69
CA TYR B 262 -7.59 17.73 -3.37
C TYR B 262 -8.69 16.94 -4.10
N SER B 263 -8.30 15.95 -4.93
CA SER B 263 -9.31 15.26 -5.77
C SER B 263 -10.23 14.36 -4.91
N MET B 264 -9.70 13.81 -3.83
CA MET B 264 -10.48 13.05 -2.86
C MET B 264 -11.59 13.92 -2.28
N MET B 265 -11.23 15.12 -1.85
CA MET B 265 -12.19 16.03 -1.23
C MET B 265 -13.16 16.53 -2.29
N LYS B 266 -12.68 16.80 -3.52
CA LYS B 266 -13.59 17.25 -4.59
C LYS B 266 -14.61 16.14 -4.89
N TYR B 267 -14.15 14.89 -4.98
CA TYR B 267 -15.05 13.76 -5.21
C TYR B 267 -16.10 13.68 -4.10
N ASN B 268 -15.68 13.77 -2.84
CA ASN B 268 -16.66 13.70 -1.75
C ASN B 268 -17.65 14.80 -1.80
N LEU B 269 -17.16 16.01 -1.98
CA LEU B 269 -18.01 17.15 -1.97
C LEU B 269 -18.99 17.09 -3.14
N ASP B 270 -18.54 16.62 -4.32
CA ASP B 270 -19.43 16.44 -5.46
C ASP B 270 -20.51 15.36 -5.20
N LYS B 271 -20.11 14.21 -4.70
CA LYS B 271 -21.09 13.13 -4.43
C LYS B 271 -22.06 13.47 -3.33
N ILE B 272 -21.62 14.16 -2.29
CA ILE B 272 -22.48 14.48 -1.16
C ILE B 272 -23.45 15.59 -1.58
N ALA B 273 -22.97 16.63 -2.30
CA ALA B 273 -23.85 17.69 -2.82
C ALA B 273 -24.87 17.07 -3.79
N GLU B 274 -24.49 16.11 -4.68
CA GLU B 274 -25.47 15.44 -5.58
C GLU B 274 -26.47 14.61 -4.78
N GLY B 275 -25.97 13.78 -3.88
CA GLY B 275 -26.83 12.85 -3.15
C GLY B 275 -27.89 13.50 -2.30
N LEU B 276 -27.54 14.62 -1.68
CA LEU B 276 -28.46 15.33 -0.80
C LEU B 276 -29.38 16.30 -1.53
N ALA B 277 -29.15 16.53 -2.82
CA ALA B 277 -30.09 17.31 -3.65
C ALA B 277 -31.19 16.40 -4.21
N LYS B 278 -31.10 15.06 -4.03
CA LYS B 278 -32.10 14.09 -4.51
C LYS B 278 -33.40 14.17 -3.71
MN MN C . 9.34 -15.22 0.98
C TRS D . -5.93 -2.25 -0.54
C1 TRS D . -6.37 -2.98 0.73
C2 TRS D . -6.90 -1.13 -0.88
C3 TRS D . -4.49 -1.72 -0.40
N TRS D . -5.95 -3.24 -1.67
O1 TRS D . -5.77 -4.25 0.83
O2 TRS D . -8.16 -1.65 -1.28
O3 TRS D . -4.28 -1.03 0.81
H11 TRS D . -6.09 -2.46 1.63
H12 TRS D . -7.47 -3.04 0.74
H21 TRS D . -6.98 -0.49 -0.01
H22 TRS D . -6.55 -0.50 -1.69
H31 TRS D . -3.79 -2.55 -0.49
H32 TRS D . -4.27 -1.07 -1.24
HN1 TRS D . -6.89 -3.35 -2.05
HN2 TRS D . -5.35 -2.94 -2.44
HN3 TRS D . -5.64 -4.16 -1.37
HO1 TRS D . -6.50 -4.94 0.78
HO2 TRS D . -8.49 -1.07 -2.03
HO3 TRS D . -3.55 -0.38 0.64
MN MN E . -11.79 6.76 11.85
C TRS F . 4.71 -0.05 3.55
C1 TRS F . 3.43 -0.10 2.71
C2 TRS F . 4.60 -0.96 4.77
C3 TRS F . 5.94 -0.43 2.74
N TRS F . 4.88 1.36 4.03
O1 TRS F . 3.21 -1.40 2.17
O2 TRS F . 3.76 -0.38 5.75
O3 TRS F . 7.12 -0.07 3.41
H11 TRS F . 2.56 0.10 3.32
H12 TRS F . 3.47 0.68 1.95
H21 TRS F . 4.27 -1.95 4.46
H22 TRS F . 5.56 -1.12 5.25
H31 TRS F . 5.94 -1.51 2.59
H32 TRS F . 5.91 0.04 1.75
HN1 TRS F . 4.06 1.62 4.59
HN2 TRS F . 5.71 1.45 4.62
HN3 TRS F . 4.96 2.01 3.27
HO1 TRS F . 2.68 -1.29 1.34
HO2 TRS F . 4.19 -0.50 6.63
HO3 TRS F . 7.77 0.17 2.70
#